data_7OHI
#
_entry.id   7OHI
#
_cell.length_a   61.168
_cell.length_b   145.487
_cell.length_c   88.808
_cell.angle_alpha   90.000
_cell.angle_beta   90.000
_cell.angle_gamma   90.000
#
_symmetry.space_group_name_H-M   'C 2 2 21'
#
loop_
_entity.id
_entity.type
_entity.pdbx_description
1 polymer 'AP-2 complex subunit alpha-2'
2 polymer 'F-BAR domain only protein 1'
3 non-polymer 'SULFATE ION'
4 non-polymer '2-(N-MORPHOLINO)-ETHANESULFONIC ACID'
5 water water
#
loop_
_entity_poly.entity_id
_entity_poly.type
_entity_poly.pdbx_seq_one_letter_code
_entity_poly.pdbx_strand_id
1 'polypeptide(L)'
;GSPGILAPLAPGSEDNFARFVCKNNGVLFENQLLQIGLKSEFRQNLGRMFIFYGNKTSTQFLNFTPTLICADDLQTNLNL
QTKPVKPTVDGGAQVQQVVNIECISDFTEAPVLNIQFRYGGTFQNVSVKLPITLNKFFQPTEMASQDFFQRWKQLSNPQQ
EVQNIFKAKHPMDTEITKAKIIGFGSALLEEVDPNPANFVGAGIIHTKTTQIGCLLRLEPNLQAQMYRLTLRTSKDTVSQ
RLCELLSEQF
;
A
2 'polypeptide(L)' QSEEQVSKNLFGPPLESAFDHED B
#
loop_
_chem_comp.id
_chem_comp.type
_chem_comp.name
_chem_comp.formula
MES non-polymer '2-(N-MORPHOLINO)-ETHANESULFONIC ACID' 'C6 H13 N O4 S'
SO4 non-polymer 'SULFATE ION' 'O4 S -2'
#
# COMPACT_ATOMS: atom_id res chain seq x y z
N GLY A 1 -27.65 16.74 -4.89
CA GLY A 1 -27.18 15.43 -5.32
C GLY A 1 -28.09 14.31 -4.88
N SER A 2 -29.38 14.41 -5.19
CA SER A 2 -30.29 13.28 -5.03
C SER A 2 -29.78 12.14 -5.92
N PRO A 3 -30.27 10.92 -5.74
CA PRO A 3 -29.67 9.79 -6.47
C PRO A 3 -29.65 10.01 -7.97
N GLY A 4 -28.50 9.71 -8.58
CA GLY A 4 -28.30 9.93 -10.00
C GLY A 4 -27.68 11.26 -10.36
N ILE A 5 -27.46 12.14 -9.38
CA ILE A 5 -26.84 13.43 -9.58
C ILE A 5 -25.60 13.50 -8.67
N LEU A 6 -24.47 13.90 -9.25
CA LEU A 6 -23.24 14.11 -8.50
C LEU A 6 -22.61 15.44 -8.90
N ALA A 7 -21.85 16.02 -8.00
CA ALA A 7 -20.98 17.12 -8.36
C ALA A 7 -19.67 16.60 -8.89
N PRO A 8 -18.93 17.41 -9.64
CA PRO A 8 -17.56 17.02 -10.00
C PRO A 8 -16.76 16.66 -8.76
N LEU A 9 -15.86 15.70 -8.90
CA LEU A 9 -15.11 15.25 -7.73
C LEU A 9 -14.24 16.38 -7.18
N ALA A 10 -14.23 16.50 -5.86
CA ALA A 10 -13.35 17.47 -5.22
C ALA A 10 -11.90 17.06 -5.44
N PRO A 11 -10.98 18.04 -5.50
CA PRO A 11 -9.55 17.68 -5.52
C PRO A 11 -9.19 16.90 -4.26
N GLY A 12 -8.20 16.03 -4.41
CA GLY A 12 -7.79 15.19 -3.30
C GLY A 12 -7.50 15.95 -2.02
N SER A 13 -8.10 15.53 -0.92
CA SER A 13 -7.76 16.04 0.39
C SER A 13 -6.55 15.30 0.94
N GLU A 14 -5.85 15.95 1.88
CA GLU A 14 -4.75 15.26 2.58
C GLU A 14 -5.34 14.14 3.43
N ASP A 15 -4.72 12.97 3.38
CA ASP A 15 -5.20 11.81 4.10
C ASP A 15 -4.01 10.97 4.56
N ASN A 16 -4.31 9.83 5.16
CA ASN A 16 -3.30 8.96 5.74
C ASN A 16 -2.96 7.77 4.86
N PHE A 17 -3.03 7.94 3.54
CA PHE A 17 -2.79 6.83 2.61
C PHE A 17 -1.49 6.08 2.91
N ALA A 18 -0.37 6.82 3.03
CA ALA A 18 0.93 6.16 3.20
C ALA A 18 1.00 5.38 4.51
N ARG A 19 0.24 5.79 5.52
CA ARG A 19 0.24 5.05 6.77
C ARG A 19 -0.42 3.69 6.64
N PHE A 20 -1.17 3.45 5.57
CA PHE A 20 -1.92 2.22 5.38
C PHE A 20 -1.28 1.29 4.36
N VAL A 21 -0.03 1.55 3.99
CA VAL A 21 0.68 0.62 3.11
C VAL A 21 1.14 -0.60 3.89
N CYS A 22 1.57 -0.42 5.14
CA CYS A 22 2.08 -1.51 5.97
C CYS A 22 1.18 -1.81 7.15
N LYS A 23 -0.02 -1.23 7.18
CA LYS A 23 -1.04 -1.45 8.20
C LYS A 23 -2.40 -1.43 7.52
N ASN A 24 -3.35 -2.15 8.10
CA ASN A 24 -4.66 -2.26 7.47
C ASN A 24 -5.81 -1.61 8.23
N ASN A 25 -5.68 -1.42 9.54
CA ASN A 25 -6.82 -0.98 10.35
C ASN A 25 -6.51 0.36 10.99
N GLY A 26 -7.35 1.35 10.75
CA GLY A 26 -7.16 2.65 11.37
C GLY A 26 -7.98 3.71 10.66
N VAL A 27 -7.68 4.97 10.99
CA VAL A 27 -8.41 6.11 10.46
C VAL A 27 -7.72 6.62 9.21
N LEU A 28 -8.45 6.64 8.09
CA LEU A 28 -7.92 7.14 6.83
C LEU A 28 -8.03 8.65 6.73
N PHE A 29 -9.12 9.23 7.24
CA PHE A 29 -9.38 10.65 7.06
C PHE A 29 -10.29 11.11 8.18
N GLU A 30 -10.06 12.32 8.66
CA GLU A 30 -10.94 12.91 9.66
C GLU A 30 -10.88 14.42 9.56
N ASN A 31 -12.06 15.05 9.54
CA ASN A 31 -12.16 16.49 9.69
C ASN A 31 -13.18 16.75 10.81
N GLN A 32 -13.69 17.99 10.86
CA GLN A 32 -14.60 18.35 11.95
C GLN A 32 -15.93 17.63 11.87
N LEU A 33 -16.30 17.14 10.68
CA LEU A 33 -17.62 16.56 10.46
C LEU A 33 -17.60 15.05 10.39
N LEU A 34 -16.57 14.45 9.80
CA LEU A 34 -16.62 13.07 9.34
C LEU A 34 -15.33 12.36 9.67
N GLN A 35 -15.46 11.13 10.13
CA GLN A 35 -14.32 10.22 10.28
C GLN A 35 -14.50 9.05 9.32
N ILE A 36 -13.46 8.75 8.55
CA ILE A 36 -13.45 7.60 7.67
C ILE A 36 -12.45 6.60 8.21
N GLY A 37 -12.96 5.47 8.72
CA GLY A 37 -12.13 4.40 9.22
C GLY A 37 -12.07 3.24 8.25
N LEU A 38 -11.01 2.45 8.35
CA LEU A 38 -10.80 1.31 7.47
C LEU A 38 -10.43 0.09 8.30
N LYS A 39 -10.89 -1.07 7.86
CA LYS A 39 -10.43 -2.37 8.35
C LYS A 39 -10.37 -3.28 7.14
N SER A 40 -9.27 -3.99 6.96
CA SER A 40 -9.21 -4.89 5.81
C SER A 40 -8.38 -6.12 6.10
N GLU A 41 -8.67 -7.17 5.34
CA GLU A 41 -7.87 -8.38 5.31
C GLU A 41 -7.68 -8.82 3.87
N PHE A 42 -6.56 -9.48 3.60
CA PHE A 42 -6.23 -9.95 2.27
C PHE A 42 -5.65 -11.35 2.35
N ARG A 43 -5.94 -12.15 1.33
CA ARG A 43 -5.35 -13.49 1.22
C ARG A 43 -5.12 -13.77 -0.26
N GLN A 44 -3.88 -14.06 -0.62
CA GLN A 44 -3.47 -14.26 -2.03
C GLN A 44 -4.01 -13.06 -2.81
N ASN A 45 -4.77 -13.25 -3.89
CA ASN A 45 -5.18 -12.16 -4.74
C ASN A 45 -6.53 -11.57 -4.38
N LEU A 46 -7.06 -11.87 -3.20
CA LEU A 46 -8.36 -11.37 -2.78
C LEU A 46 -8.26 -10.55 -1.51
N GLY A 47 -9.21 -9.64 -1.34
CA GLY A 47 -9.28 -8.88 -0.10
C GLY A 47 -10.71 -8.47 0.20
N ARG A 48 -10.91 -8.06 1.45
CA ARG A 48 -12.19 -7.49 1.86
C ARG A 48 -11.91 -6.31 2.76
N MET A 49 -12.42 -5.13 2.38
CA MET A 49 -12.17 -3.91 3.11
C MET A 49 -13.51 -3.37 3.60
N PHE A 50 -13.55 -2.97 4.87
CA PHE A 50 -14.72 -2.32 5.46
C PHE A 50 -14.38 -0.85 5.67
N ILE A 51 -15.26 0.03 5.17
CA ILE A 51 -15.12 1.47 5.32
C ILE A 51 -16.18 1.92 6.31
N PHE A 52 -15.77 2.67 7.32
CA PHE A 52 -16.66 3.14 8.37
C PHE A 52 -16.77 4.66 8.27
N TYR A 53 -18.01 5.16 8.09
CA TYR A 53 -18.27 6.59 7.99
C TYR A 53 -18.93 7.05 9.29
N GLY A 54 -18.23 7.91 10.01
CA GLY A 54 -18.70 8.38 11.30
C GLY A 54 -19.08 9.84 11.29
N ASN A 55 -20.32 10.14 11.66
CA ASN A 55 -20.82 11.50 11.74
C ASN A 55 -20.49 12.05 13.13
N LYS A 56 -19.58 13.01 13.19
CA LYS A 56 -19.12 13.57 14.45
C LYS A 56 -19.99 14.72 14.95
N THR A 57 -21.09 15.00 14.26
CA THR A 57 -21.94 16.14 14.57
C THR A 57 -23.27 15.64 15.14
N SER A 58 -24.11 16.60 15.53
CA SER A 58 -25.47 16.30 15.96
C SER A 58 -26.49 16.45 14.84
N THR A 59 -26.03 16.77 13.63
CA THR A 59 -26.90 16.96 12.48
C THR A 59 -26.74 15.80 11.50
N GLN A 60 -27.85 15.43 10.87
CA GLN A 60 -27.83 14.34 9.90
C GLN A 60 -27.04 14.74 8.66
N PHE A 61 -26.37 13.76 8.06
CA PHE A 61 -25.84 13.88 6.72
C PHE A 61 -26.92 13.35 5.77
N LEU A 62 -27.24 14.13 4.75
CA LEU A 62 -28.27 13.74 3.80
C LEU A 62 -27.66 13.54 2.42
N ASN A 63 -28.29 12.67 1.64
CA ASN A 63 -27.82 12.34 0.30
C ASN A 63 -26.40 11.79 0.33
N PHE A 64 -26.08 11.07 1.41
CA PHE A 64 -24.71 10.60 1.63
C PHE A 64 -24.37 9.55 0.57
N THR A 65 -23.42 9.89 -0.29
CA THR A 65 -23.11 9.11 -1.48
C THR A 65 -21.60 8.86 -1.59
N PRO A 66 -21.14 7.66 -1.22
CA PRO A 66 -19.73 7.30 -1.48
C PRO A 66 -19.58 6.63 -2.83
N THR A 67 -18.59 7.07 -3.60
CA THR A 67 -18.29 6.48 -4.91
C THR A 67 -16.83 6.12 -4.97
N LEU A 68 -16.52 4.91 -5.42
CA LEU A 68 -15.16 4.49 -5.69
C LEU A 68 -14.83 4.88 -7.12
N ILE A 69 -13.70 5.58 -7.31
CA ILE A 69 -13.30 6.12 -8.60
C ILE A 69 -12.07 5.38 -9.07
N CYS A 70 -12.17 4.76 -10.25
CA CYS A 70 -11.12 3.88 -10.75
C CYS A 70 -11.11 4.06 -12.26
N ALA A 71 -9.96 4.47 -12.83
CA ALA A 71 -9.88 4.61 -14.27
C ALA A 71 -9.96 3.23 -14.95
N ASP A 72 -10.21 3.24 -16.26
CA ASP A 72 -10.45 1.97 -16.94
C ASP A 72 -9.26 1.03 -16.80
N ASP A 73 -8.03 1.56 -16.90
CA ASP A 73 -6.86 0.70 -16.82
C ASP A 73 -6.76 0.06 -15.44
N LEU A 74 -7.06 0.82 -14.38
CA LEU A 74 -7.08 0.24 -13.04
C LEU A 74 -8.19 -0.79 -12.90
N GLN A 75 -9.38 -0.48 -13.45
CA GLN A 75 -10.47 -1.47 -13.40
C GLN A 75 -10.07 -2.78 -14.07
N THR A 76 -9.26 -2.72 -15.13
CA THR A 76 -8.83 -3.95 -15.79
C THR A 76 -7.96 -4.80 -14.89
N ASN A 77 -7.21 -4.17 -13.98
CA ASN A 77 -6.26 -4.87 -13.15
C ASN A 77 -6.76 -5.11 -11.73
N LEU A 78 -7.76 -4.38 -11.28
CA LEU A 78 -8.23 -4.43 -9.90
C LEU A 78 -9.75 -4.38 -9.91
N ASN A 79 -10.38 -5.47 -9.52
CA ASN A 79 -11.83 -5.57 -9.53
C ASN A 79 -12.38 -5.27 -8.14
N LEU A 80 -13.21 -4.24 -8.05
CA LEU A 80 -13.86 -3.85 -6.82
C LEU A 80 -15.37 -4.08 -6.95
N GLN A 81 -15.97 -4.63 -5.90
CA GLN A 81 -17.42 -4.81 -5.83
C GLN A 81 -17.91 -4.32 -4.48
N THR A 82 -19.01 -3.59 -4.48
CA THR A 82 -19.53 -3.00 -3.24
C THR A 82 -21.05 -3.03 -3.26
N LYS A 83 -21.65 -2.60 -2.17
CA LYS A 83 -23.09 -2.60 -2.00
C LYS A 83 -23.56 -1.21 -1.62
N PRO A 84 -24.84 -0.92 -1.80
CA PRO A 84 -25.33 0.44 -1.54
C PRO A 84 -25.23 0.83 -0.07
N VAL A 85 -25.05 2.12 0.15
CA VAL A 85 -25.00 2.72 1.48
C VAL A 85 -26.22 3.62 1.63
N LYS A 86 -26.85 3.54 2.81
CA LYS A 86 -28.03 4.36 3.08
C LYS A 86 -27.63 5.83 3.03
N PRO A 87 -28.37 6.69 2.31
CA PRO A 87 -27.94 8.07 2.15
C PRO A 87 -28.15 8.98 3.35
N THR A 88 -28.72 8.47 4.44
CA THR A 88 -28.92 9.27 5.65
C THR A 88 -28.04 8.71 6.76
N VAL A 89 -27.14 9.55 7.27
CA VAL A 89 -26.27 9.20 8.38
C VAL A 89 -26.66 10.10 9.55
N ASP A 90 -27.22 9.50 10.60
CA ASP A 90 -27.66 10.27 11.76
C ASP A 90 -26.48 10.90 12.47
N GLY A 91 -26.74 12.02 13.13
CA GLY A 91 -25.72 12.62 13.97
C GLY A 91 -25.20 11.62 14.97
N GLY A 92 -23.88 11.56 15.14
CA GLY A 92 -23.26 10.62 16.06
C GLY A 92 -23.27 9.18 15.62
N ALA A 93 -23.84 8.86 14.46
CA ALA A 93 -23.95 7.49 14.02
C ALA A 93 -22.78 7.12 13.11
N GLN A 94 -22.58 5.82 12.94
CA GLN A 94 -21.53 5.28 12.08
C GLN A 94 -22.14 4.25 11.14
N VAL A 95 -21.81 4.35 9.86
CA VAL A 95 -22.34 3.48 8.82
C VAL A 95 -21.17 2.77 8.13
N GLN A 96 -21.44 1.58 7.62
CA GLN A 96 -20.42 0.66 7.15
C GLN A 96 -20.63 0.35 5.67
N GLN A 97 -19.51 0.32 4.92
CA GLN A 97 -19.51 -0.09 3.53
C GLN A 97 -18.50 -1.22 3.37
N VAL A 98 -18.86 -2.25 2.62
CA VAL A 98 -17.97 -3.37 2.36
C VAL A 98 -17.50 -3.31 0.90
N VAL A 99 -16.21 -3.51 0.70
CA VAL A 99 -15.61 -3.54 -0.64
C VAL A 99 -14.90 -4.88 -0.78
N ASN A 100 -15.36 -5.69 -1.72
CA ASN A 100 -14.71 -6.94 -2.05
C ASN A 100 -13.74 -6.71 -3.20
N ILE A 101 -12.53 -7.25 -3.06
CA ILE A 101 -11.40 -6.86 -3.89
C ILE A 101 -10.77 -8.08 -4.53
N GLU A 102 -10.51 -8.01 -5.84
CA GLU A 102 -9.73 -9.04 -6.52
C GLU A 102 -8.65 -8.38 -7.35
N CYS A 103 -7.40 -8.77 -7.12
CA CYS A 103 -6.29 -8.35 -7.96
C CYS A 103 -6.28 -9.22 -9.20
N ILE A 104 -6.55 -8.61 -10.36
CA ILE A 104 -6.50 -9.33 -11.63
C ILE A 104 -5.07 -9.38 -12.16
N SER A 105 -4.39 -8.23 -12.18
CA SER A 105 -2.97 -8.16 -12.46
C SER A 105 -2.37 -7.02 -11.66
N ASP A 106 -1.04 -6.89 -11.70
CA ASP A 106 -0.39 -5.82 -10.95
C ASP A 106 -0.80 -4.45 -11.46
N PHE A 107 -0.74 -3.46 -10.56
CA PHE A 107 -1.30 -2.15 -10.80
C PHE A 107 -0.57 -1.13 -9.93
N THR A 108 -0.60 0.13 -10.37
CA THR A 108 0.08 1.22 -9.69
C THR A 108 -0.88 2.26 -9.13
N GLU A 109 -1.92 2.59 -9.87
CA GLU A 109 -2.85 3.60 -9.40
C GLU A 109 -3.61 3.11 -8.17
N ALA A 110 -4.10 4.07 -7.39
CA ALA A 110 -4.93 3.76 -6.25
C ALA A 110 -6.37 4.22 -6.52
N PRO A 111 -7.37 3.46 -6.07
CA PRO A 111 -8.74 3.96 -6.13
C PRO A 111 -8.87 5.24 -5.33
N VAL A 112 -9.78 6.10 -5.77
CA VAL A 112 -10.15 7.30 -5.02
C VAL A 112 -11.54 7.07 -4.43
N LEU A 113 -11.69 7.38 -3.16
CA LEU A 113 -12.98 7.36 -2.50
C LEU A 113 -13.50 8.80 -2.46
N ASN A 114 -14.60 9.05 -3.14
CA ASN A 114 -15.24 10.35 -3.13
C ASN A 114 -16.53 10.25 -2.32
N ILE A 115 -16.74 11.21 -1.44
CA ILE A 115 -17.90 11.25 -0.56
C ILE A 115 -18.58 12.59 -0.73
N GLN A 116 -19.85 12.57 -1.11
CA GLN A 116 -20.66 13.78 -1.25
C GLN A 116 -21.87 13.66 -0.33
N PHE A 117 -22.20 14.76 0.36
CA PHE A 117 -23.37 14.75 1.24
C PHE A 117 -23.75 16.19 1.57
N ARG A 118 -24.96 16.33 2.10
CA ARG A 118 -25.46 17.60 2.59
C ARG A 118 -25.39 17.64 4.12
N TYR A 119 -24.90 18.76 4.64
CA TYR A 119 -24.78 18.98 6.08
C TYR A 119 -25.44 20.33 6.37
N GLY A 120 -26.69 20.28 6.80
CA GLY A 120 -27.43 21.53 7.06
C GLY A 120 -27.46 22.47 5.89
N GLY A 121 -27.65 21.93 4.68
CA GLY A 121 -27.69 22.74 3.49
C GLY A 121 -26.36 22.98 2.82
N THR A 122 -25.25 22.89 3.56
CA THR A 122 -23.95 22.99 2.93
C THR A 122 -23.74 21.77 2.02
N PHE A 123 -22.86 21.93 1.03
CA PHE A 123 -22.46 20.84 0.16
C PHE A 123 -21.08 20.38 0.63
N GLN A 124 -20.95 19.10 0.98
CA GLN A 124 -19.69 18.50 1.34
C GLN A 124 -19.25 17.54 0.24
N ASN A 125 -17.96 17.57 -0.07
CA ASN A 125 -17.40 16.83 -1.21
C ASN A 125 -15.95 16.59 -0.87
N VAL A 126 -15.61 15.33 -0.54
CA VAL A 126 -14.30 14.94 -0.06
C VAL A 126 -13.79 13.82 -0.95
N SER A 127 -12.54 13.93 -1.39
CA SER A 127 -11.88 12.89 -2.16
C SER A 127 -10.60 12.46 -1.45
N VAL A 128 -10.49 11.16 -1.13
CA VAL A 128 -9.33 10.63 -0.45
C VAL A 128 -8.84 9.40 -1.20
N LYS A 129 -7.52 9.17 -1.17
CA LYS A 129 -6.93 8.01 -1.80
C LYS A 129 -7.17 6.78 -0.94
N LEU A 130 -7.65 5.70 -1.55
CA LEU A 130 -7.93 4.48 -0.79
C LEU A 130 -6.73 3.54 -0.85
N PRO A 131 -6.23 3.08 0.30
CA PRO A 131 -4.97 2.31 0.33
C PRO A 131 -5.16 0.84 -0.05
N ILE A 132 -5.56 0.63 -1.30
CA ILE A 132 -5.47 -0.68 -1.93
C ILE A 132 -4.25 -0.59 -2.84
N THR A 133 -3.17 -1.23 -2.41
CA THR A 133 -1.86 -1.17 -3.05
C THR A 133 -1.40 -2.58 -3.39
N LEU A 134 -0.45 -2.65 -4.31
CA LEU A 134 -0.03 -3.94 -4.86
C LEU A 134 0.45 -4.88 -3.76
N ASN A 135 1.13 -4.35 -2.73
CA ASN A 135 1.66 -5.21 -1.69
C ASN A 135 0.58 -5.84 -0.81
N LYS A 136 -0.68 -5.41 -0.93
CA LYS A 136 -1.75 -6.08 -0.20
C LYS A 136 -1.93 -7.52 -0.68
N PHE A 137 -1.42 -7.86 -1.86
CA PHE A 137 -1.51 -9.20 -2.44
C PHE A 137 -0.20 -9.95 -2.30
N PHE A 138 0.63 -9.54 -1.33
CA PHE A 138 1.96 -10.07 -1.08
C PHE A 138 1.83 -11.10 0.03
N GLN A 139 2.26 -12.33 -0.25
CA GLN A 139 2.26 -13.43 0.71
C GLN A 139 3.70 -13.63 1.19
N PRO A 140 3.98 -13.60 2.49
CA PRO A 140 5.37 -13.80 2.93
C PRO A 140 5.83 -15.21 2.66
N THR A 141 7.11 -15.36 2.29
CA THR A 141 7.70 -16.68 2.06
C THR A 141 9.00 -16.80 2.83
N GLU A 142 8.98 -17.60 3.90
CA GLU A 142 10.22 -17.95 4.58
C GLU A 142 11.06 -18.83 3.67
N MET A 143 12.38 -18.63 3.68
CA MET A 143 13.25 -19.52 2.93
C MET A 143 14.66 -19.46 3.50
N ALA A 144 15.44 -20.49 3.16
CA ALA A 144 16.82 -20.59 3.60
C ALA A 144 17.72 -19.66 2.80
N SER A 145 18.84 -19.28 3.41
CA SER A 145 19.81 -18.42 2.73
C SER A 145 20.18 -18.97 1.36
N GLN A 146 20.40 -20.29 1.27
CA GLN A 146 20.83 -20.86 0.00
C GLN A 146 19.74 -20.72 -1.06
N ASP A 147 18.47 -20.88 -0.66
CA ASP A 147 17.37 -20.72 -1.62
C ASP A 147 17.27 -19.27 -2.08
N PHE A 148 17.46 -18.32 -1.16
CA PHE A 148 17.40 -16.92 -1.52
C PHE A 148 18.43 -16.56 -2.57
N PHE A 149 19.69 -16.96 -2.35
CA PHE A 149 20.76 -16.54 -3.25
C PHE A 149 20.58 -17.12 -4.64
N GLN A 150 20.08 -18.35 -4.72
CA GLN A 150 19.78 -18.95 -6.02
CA GLN A 150 19.79 -18.94 -6.02
C GLN A 150 18.76 -18.11 -6.79
N ARG A 151 17.71 -17.66 -6.10
CA ARG A 151 16.69 -16.85 -6.75
CA ARG A 151 16.68 -16.84 -6.75
C ARG A 151 17.20 -15.45 -7.07
N TRP A 152 17.96 -14.86 -6.15
CA TRP A 152 18.54 -13.54 -6.37
C TRP A 152 19.41 -13.53 -7.61
N LYS A 153 20.23 -14.57 -7.80
CA LYS A 153 21.11 -14.63 -8.96
C LYS A 153 20.32 -14.74 -10.26
N GLN A 154 19.26 -15.54 -10.26
CA GLN A 154 18.44 -15.65 -11.47
CA GLN A 154 18.43 -15.65 -11.46
C GLN A 154 17.91 -14.29 -11.90
N LEU A 155 17.45 -13.50 -10.94
CA LEU A 155 16.87 -12.18 -11.25
C LEU A 155 17.94 -11.11 -11.45
N SER A 156 19.08 -11.50 -12.00
CA SER A 156 20.19 -10.58 -12.23
C SER A 156 19.99 -9.72 -13.47
N ASN A 157 19.12 -10.11 -14.38
CA ASN A 157 18.81 -9.25 -15.52
C ASN A 157 18.42 -7.87 -15.00
N PRO A 158 18.92 -6.79 -15.58
CA PRO A 158 18.63 -5.46 -15.03
C PRO A 158 17.14 -5.12 -15.02
N GLN A 159 16.37 -5.65 -15.97
CA GLN A 159 14.95 -5.37 -16.02
C GLN A 159 14.24 -5.85 -14.75
N GLN A 160 14.78 -6.87 -14.08
CA GLN A 160 14.12 -7.42 -12.91
C GLN A 160 14.44 -6.65 -11.63
N GLU A 161 15.47 -5.82 -11.65
CA GLU A 161 15.94 -5.12 -10.46
C GLU A 161 15.61 -3.64 -10.53
N VAL A 162 15.04 -3.12 -9.43
CA VAL A 162 14.84 -1.69 -9.24
C VAL A 162 15.46 -1.32 -7.91
N GLN A 163 16.26 -0.25 -7.90
CA GLN A 163 17.01 0.17 -6.74
C GLN A 163 16.79 1.65 -6.53
N ASN A 164 16.73 2.06 -5.27
CA ASN A 164 16.47 3.45 -4.92
C ASN A 164 17.22 3.79 -3.64
N ILE A 165 17.90 4.94 -3.65
CA ILE A 165 18.56 5.50 -2.49
C ILE A 165 17.73 6.70 -2.05
N PHE A 166 17.47 6.79 -0.75
CA PHE A 166 16.60 7.85 -0.26
C PHE A 166 16.96 8.20 1.18
N LYS A 167 16.61 9.43 1.56
CA LYS A 167 16.81 9.91 2.92
C LYS A 167 15.74 9.34 3.85
N ALA A 168 16.17 8.93 5.03
CA ALA A 168 15.24 8.39 6.01
C ALA A 168 14.24 9.44 6.43
N LYS A 169 12.97 9.07 6.43
CA LYS A 169 11.94 9.96 6.95
C LYS A 169 11.79 9.81 8.46
N HIS A 170 12.11 8.64 9.01
CA HIS A 170 11.81 8.27 10.37
C HIS A 170 13.08 7.83 11.08
N PRO A 171 13.05 7.77 12.41
CA PRO A 171 14.19 7.24 13.15
C PRO A 171 14.60 5.88 12.61
N MET A 172 15.91 5.66 12.54
CA MET A 172 16.46 4.42 11.99
C MET A 172 16.50 3.39 13.11
N ASP A 173 15.33 2.81 13.37
CA ASP A 173 15.07 1.93 14.50
C ASP A 173 14.89 0.51 13.97
N THR A 174 15.81 -0.37 14.32
CA THR A 174 15.79 -1.72 13.77
C THR A 174 14.45 -2.41 14.01
N GLU A 175 13.89 -2.26 15.20
CA GLU A 175 12.66 -3.00 15.52
C GLU A 175 11.46 -2.44 14.77
N ILE A 176 11.40 -1.11 14.59
CA ILE A 176 10.30 -0.54 13.80
C ILE A 176 10.44 -0.95 12.34
N THR A 177 11.67 -0.97 11.82
CA THR A 177 11.90 -1.33 10.43
C THR A 177 11.48 -2.77 10.15
N LYS A 178 11.86 -3.70 11.03
CA LYS A 178 11.43 -5.08 10.85
C LYS A 178 9.92 -5.18 10.84
N ALA A 179 9.23 -4.47 11.73
CA ALA A 179 7.78 -4.50 11.76
C ALA A 179 7.17 -3.93 10.49
N LYS A 180 7.80 -2.90 9.90
CA LYS A 180 7.28 -2.34 8.65
C LYS A 180 7.37 -3.36 7.53
N ILE A 181 8.49 -4.10 7.47
CA ILE A 181 8.69 -5.09 6.41
C ILE A 181 7.65 -6.20 6.54
N ILE A 182 7.40 -6.66 7.77
CA ILE A 182 6.36 -7.67 7.99
C ILE A 182 4.99 -7.10 7.62
N GLY A 183 4.71 -5.87 8.04
CA GLY A 183 3.43 -5.28 7.73
C GLY A 183 3.21 -5.07 6.24
N PHE A 184 4.30 -4.92 5.48
CA PHE A 184 4.21 -4.79 4.03
C PHE A 184 3.75 -6.06 3.35
N GLY A 185 3.93 -7.22 4.00
CA GLY A 185 3.58 -8.50 3.42
C GLY A 185 4.76 -9.41 3.16
N SER A 186 5.97 -8.98 3.45
CA SER A 186 7.17 -9.75 3.20
C SER A 186 7.53 -10.58 4.42
N ALA A 187 8.16 -11.73 4.17
CA ALA A 187 8.88 -12.40 5.24
C ALA A 187 10.14 -11.61 5.55
N LEU A 188 10.59 -11.69 6.79
CA LEU A 188 11.85 -11.09 7.21
C LEU A 188 12.84 -12.22 7.39
N LEU A 189 13.89 -12.23 6.57
CA LEU A 189 14.83 -13.34 6.52
C LEU A 189 16.11 -12.97 7.26
N GLU A 190 16.37 -13.66 8.37
CA GLU A 190 17.52 -13.37 9.21
C GLU A 190 18.75 -14.14 8.69
N GLU A 191 19.91 -13.50 8.80
CA GLU A 191 21.19 -14.13 8.48
C GLU A 191 21.27 -14.61 7.03
N VAL A 192 20.74 -13.81 6.11
CA VAL A 192 20.93 -14.05 4.69
C VAL A 192 22.01 -13.11 4.18
N ASP A 193 21.78 -11.80 4.32
CA ASP A 193 22.84 -10.84 4.05
C ASP A 193 23.87 -10.96 5.15
N PRO A 194 25.15 -11.17 4.80
CA PRO A 194 26.18 -11.34 5.85
C PRO A 194 26.38 -10.09 6.70
N ASN A 195 25.86 -8.95 6.28
CA ASN A 195 25.88 -7.73 7.07
C ASN A 195 24.70 -7.77 8.04
N PRO A 196 24.94 -7.92 9.34
CA PRO A 196 23.81 -7.99 10.28
C PRO A 196 22.98 -6.73 10.36
N ALA A 197 23.45 -5.60 9.84
CA ALA A 197 22.70 -4.36 9.89
C ALA A 197 21.67 -4.26 8.77
N ASN A 198 21.76 -5.11 7.75
CA ASN A 198 20.87 -5.05 6.61
C ASN A 198 19.64 -5.93 6.84
N PHE A 199 18.60 -5.68 6.05
CA PHE A 199 17.34 -6.39 6.15
C PHE A 199 17.03 -7.05 4.80
N VAL A 200 16.61 -8.31 4.84
CA VAL A 200 16.26 -9.06 3.63
C VAL A 200 14.85 -9.59 3.78
N GLY A 201 14.09 -9.53 2.68
CA GLY A 201 12.72 -10.02 2.68
C GLY A 201 12.44 -10.82 1.41
N ALA A 202 11.38 -11.61 1.48
CA ALA A 202 10.92 -12.35 0.33
C ALA A 202 9.42 -12.60 0.45
N GLY A 203 8.75 -12.62 -0.69
CA GLY A 203 7.34 -12.96 -0.73
C GLY A 203 6.92 -13.24 -2.15
N ILE A 204 5.63 -13.53 -2.32
CA ILE A 204 5.03 -13.77 -3.61
C ILE A 204 3.83 -12.85 -3.74
N ILE A 205 3.77 -12.13 -4.86
CA ILE A 205 2.60 -11.33 -5.23
C ILE A 205 1.65 -12.24 -5.99
N HIS A 206 0.38 -12.26 -5.56
CA HIS A 206 -0.63 -13.12 -6.16
C HIS A 206 -1.58 -12.30 -7.02
N THR A 207 -1.64 -12.61 -8.31
CA THR A 207 -2.68 -12.07 -9.18
C THR A 207 -3.65 -13.18 -9.55
N LYS A 208 -4.65 -12.86 -10.36
CA LYS A 208 -5.62 -13.88 -10.73
C LYS A 208 -4.96 -15.04 -11.47
N THR A 209 -3.91 -14.76 -12.24
CA THR A 209 -3.27 -15.78 -13.06
C THR A 209 -1.88 -16.16 -12.59
N THR A 210 -1.15 -15.27 -11.92
CA THR A 210 0.30 -15.40 -11.82
C THR A 210 0.77 -15.16 -10.40
N GLN A 211 1.74 -15.98 -9.99
CA GLN A 211 2.50 -15.78 -8.78
C GLN A 211 3.82 -15.14 -9.17
N ILE A 212 4.12 -13.97 -8.61
CA ILE A 212 5.32 -13.23 -8.94
C ILE A 212 6.22 -13.27 -7.72
N GLY A 213 7.37 -13.94 -7.82
CA GLY A 213 8.28 -14.02 -6.71
C GLY A 213 9.06 -12.74 -6.54
N CYS A 214 9.19 -12.29 -5.29
CA CYS A 214 9.81 -11.02 -5.00
C CYS A 214 10.82 -11.13 -3.87
N LEU A 215 11.97 -10.48 -4.06
CA LEU A 215 13.05 -10.45 -3.08
C LEU A 215 13.42 -9.00 -2.82
N LEU A 216 13.80 -8.69 -1.59
CA LEU A 216 14.13 -7.30 -1.28
C LEU A 216 15.32 -7.24 -0.32
N ARG A 217 16.09 -6.17 -0.47
CA ARG A 217 17.23 -5.88 0.38
C ARG A 217 17.15 -4.42 0.79
N LEU A 218 17.22 -4.15 2.09
CA LEU A 218 17.17 -2.79 2.60
C LEU A 218 18.44 -2.55 3.40
N GLU A 219 19.24 -1.58 2.98
CA GLU A 219 20.53 -1.29 3.59
C GLU A 219 20.47 0.07 4.26
N PRO A 220 20.55 0.15 5.58
CA PRO A 220 20.65 1.47 6.23
C PRO A 220 22.08 1.96 6.22
N ASN A 221 22.24 3.28 6.17
CA ASN A 221 23.50 3.92 6.55
C ASN A 221 23.14 4.82 7.73
N LEU A 222 23.42 4.35 8.95
CA LEU A 222 22.93 5.07 10.12
C LEU A 222 23.54 6.46 10.21
N GLN A 223 24.83 6.59 9.89
CA GLN A 223 25.51 7.88 10.02
C GLN A 223 24.94 8.92 9.07
N ALA A 224 24.83 8.56 7.79
CA ALA A 224 24.32 9.47 6.77
C ALA A 224 22.80 9.58 6.79
N GLN A 225 22.11 8.76 7.59
CA GLN A 225 20.65 8.75 7.66
C GLN A 225 20.01 8.51 6.29
N MET A 226 20.53 7.49 5.59
CA MET A 226 20.11 7.16 4.25
C MET A 226 19.81 5.67 4.20
N TYR A 227 19.03 5.28 3.20
CA TYR A 227 18.77 3.87 2.91
C TYR A 227 19.00 3.59 1.43
N ARG A 228 19.36 2.34 1.14
CA ARG A 228 19.31 1.83 -0.22
C ARG A 228 18.37 0.63 -0.23
N LEU A 229 17.36 0.67 -1.09
CA LEU A 229 16.39 -0.40 -1.25
C LEU A 229 16.57 -1.04 -2.61
N THR A 230 16.67 -2.37 -2.65
CA THR A 230 16.77 -3.11 -3.89
C THR A 230 15.63 -4.13 -3.95
N LEU A 231 14.86 -4.08 -5.03
CA LEU A 231 13.86 -5.10 -5.34
C LEU A 231 14.34 -5.92 -6.52
N ARG A 232 14.24 -7.25 -6.40
CA ARG A 232 14.41 -8.14 -7.53
C ARG A 232 13.18 -9.03 -7.56
N THR A 233 12.42 -8.97 -8.64
CA THR A 233 11.21 -9.79 -8.74
C THR A 233 11.12 -10.34 -10.15
N SER A 234 10.21 -11.29 -10.33
CA SER A 234 10.06 -11.91 -11.65
C SER A 234 9.25 -11.05 -12.61
N LYS A 235 8.81 -9.84 -12.24
CA LYS A 235 8.13 -8.98 -13.21
C LYS A 235 8.57 -7.54 -13.05
N ASP A 236 9.00 -6.92 -14.17
CA ASP A 236 9.60 -5.59 -14.10
C ASP A 236 8.69 -4.57 -13.43
N THR A 237 7.40 -4.56 -13.79
CA THR A 237 6.50 -3.55 -13.23
C THR A 237 6.23 -3.79 -11.74
N VAL A 238 6.34 -5.04 -11.29
CA VAL A 238 6.18 -5.33 -9.87
C VAL A 238 7.41 -4.82 -9.10
N SER A 239 8.61 -5.05 -9.64
CA SER A 239 9.79 -4.49 -9.00
C SER A 239 9.66 -2.98 -8.85
N GLN A 240 9.17 -2.32 -9.91
CA GLN A 240 9.04 -0.87 -9.87
C GLN A 240 8.03 -0.42 -8.82
N ARG A 241 6.84 -1.00 -8.81
CA ARG A 241 5.80 -0.50 -7.91
C ARG A 241 6.13 -0.84 -6.46
N LEU A 242 6.68 -2.04 -6.20
CA LEU A 242 7.02 -2.34 -4.82
C LEU A 242 8.15 -1.45 -4.32
N CYS A 243 9.14 -1.17 -5.16
CA CYS A 243 10.21 -0.27 -4.73
C CYS A 243 9.64 1.12 -4.42
N GLU A 244 8.75 1.59 -5.29
CA GLU A 244 8.11 2.89 -5.09
C GLU A 244 7.39 2.94 -3.74
N LEU A 245 6.60 1.90 -3.45
CA LEU A 245 5.83 1.88 -2.22
C LEU A 245 6.74 1.80 -0.99
N LEU A 246 7.68 0.83 -0.99
CA LEU A 246 8.49 0.60 0.20
C LEU A 246 9.45 1.75 0.47
N SER A 247 9.88 2.46 -0.57
CA SER A 247 10.79 3.58 -0.40
C SER A 247 10.20 4.70 0.43
N GLU A 248 8.88 4.74 0.57
CA GLU A 248 8.24 5.82 1.32
C GLU A 248 8.02 5.48 2.79
N GLN A 249 8.48 4.32 3.26
CA GLN A 249 8.08 3.78 4.55
C GLN A 249 9.15 3.92 5.62
N PHE A 250 10.32 4.46 5.29
CA PHE A 250 11.40 4.49 6.27
C PHE A 250 12.05 5.86 6.36
N GLU B 3 25.51 9.85 -7.48
CA GLU B 3 24.67 8.83 -6.88
C GLU B 3 25.36 7.47 -6.90
N GLU B 4 26.00 7.14 -8.03
CA GLU B 4 26.79 5.91 -8.08
C GLU B 4 27.87 5.93 -7.02
N GLN B 5 28.52 7.09 -6.84
CA GLN B 5 29.58 7.19 -5.85
C GLN B 5 29.02 7.25 -4.44
N VAL B 6 27.89 7.93 -4.25
CA VAL B 6 27.22 7.89 -2.96
C VAL B 6 26.91 6.44 -2.59
N SER B 7 26.29 5.72 -3.53
CA SER B 7 26.10 4.29 -3.33
C SER B 7 27.42 3.60 -3.11
N LYS B 8 28.47 3.97 -3.86
CA LYS B 8 29.77 3.41 -3.50
C LYS B 8 29.99 3.65 -1.99
N ASN B 9 29.98 4.95 -1.56
CA ASN B 9 30.52 5.23 -0.24
C ASN B 9 29.62 4.79 0.92
N LEU B 10 28.31 4.66 0.72
CA LEU B 10 27.39 4.46 1.83
C LEU B 10 26.85 3.04 1.94
N PHE B 11 26.98 2.22 0.91
CA PHE B 11 26.30 0.93 0.87
C PHE B 11 27.23 -0.11 0.24
N GLY B 12 26.66 -1.26 -0.14
CA GLY B 12 27.41 -2.34 -0.72
C GLY B 12 28.00 -3.24 0.35
N PRO B 13 28.71 -4.30 -0.05
CA PRO B 13 28.92 -4.71 -1.45
C PRO B 13 27.69 -5.46 -2.00
N PRO B 14 27.78 -5.93 -3.24
CA PRO B 14 26.66 -6.71 -3.80
C PRO B 14 26.33 -7.91 -2.92
N LEU B 15 25.04 -8.24 -2.84
CA LEU B 15 24.59 -9.38 -2.07
C LEU B 15 25.30 -10.63 -2.55
N GLU B 16 26.23 -11.15 -1.75
CA GLU B 16 27.13 -12.23 -2.15
C GLU B 16 27.54 -12.12 -3.61
S SO4 C . -2.83 0.76 -13.38
O1 SO4 C . -1.50 0.22 -13.71
O2 SO4 C . -3.78 -0.34 -13.42
O3 SO4 C . -2.74 1.33 -12.04
O4 SO4 C . -3.21 1.80 -14.31
S SO4 D . -10.95 -12.59 1.95
O1 SO4 D . -10.98 -11.79 0.74
O2 SO4 D . -9.91 -13.61 1.84
O3 SO4 D . -12.25 -13.22 2.16
O4 SO4 D . -10.66 -11.71 3.09
S SO4 E . 18.01 8.41 14.11
O1 SO4 E . 17.85 7.25 14.99
O2 SO4 E . 17.95 7.97 12.71
O3 SO4 E . 19.29 9.05 14.37
O4 SO4 E . 16.93 9.35 14.37
S SO4 F . 1.81 -11.68 -16.29
O1 SO4 F . 1.70 -13.15 -16.14
O2 SO4 F . 3.11 -11.34 -16.85
O3 SO4 F . 1.65 -11.04 -14.99
O4 SO4 F . 0.76 -11.21 -17.19
S SO4 G . -5.21 5.48 13.52
O1 SO4 G . -4.87 5.63 12.11
O2 SO4 G . -4.21 4.65 14.18
O3 SO4 G . -6.51 4.83 13.64
O4 SO4 G . -5.27 6.79 14.15
O1 MES H . 37.79 -16.41 1.60
C2 MES H . 36.90 -17.13 2.44
C3 MES H . 35.43 -16.90 2.08
N4 MES H . 35.20 -15.45 1.99
C5 MES H . 36.08 -14.78 1.04
C6 MES H . 37.50 -15.02 1.50
C7 MES H . 33.78 -15.13 1.96
C8 MES H . 33.26 -15.07 0.52
S MES H . 32.89 -16.60 -0.05
O1S MES H . 33.94 -17.01 -1.00
O2S MES H . 31.57 -16.55 -0.74
O3S MES H . 32.81 -17.57 1.06
H21 MES H . 37.12 -18.20 2.35
H22 MES H . 37.06 -16.84 3.47
H31 MES H . 34.79 -17.34 2.83
H32 MES H . 35.20 -17.37 1.11
HN4 MES H . 35.52 -15.04 2.85
H51 MES H . 35.85 -13.71 1.03
H52 MES H . 35.92 -15.18 0.04
H61 MES H . 38.19 -14.55 0.79
H62 MES H . 37.66 -14.56 2.48
H71 MES H . 33.62 -14.16 2.44
H72 MES H . 33.22 -15.88 2.52
H81 MES H . 34.01 -14.62 -0.12
H82 MES H . 32.36 -14.44 0.49
#